data_4YSK
#
_entry.id   4YSK
#
_cell.length_a   79.505
_cell.length_b   79.505
_cell.length_c   94.523
_cell.angle_alpha   90.00
_cell.angle_beta   90.00
_cell.angle_gamma   90.00
#
_symmetry.space_group_name_H-M   'P 43'
#
loop_
_entity.id
_entity.type
_entity.pdbx_description
1 polymer 'Beta-lactamase domain protein'
2 non-polymer 'FE (III) ION'
3 water water
#
_entity_poly.entity_id   1
_entity_poly.type   'polypeptide(L)'
_entity_poly.pdbx_seq_one_letter_code
;MIIGNNLHVDAFYDEATSTISYLVMDRETRQCALIDSVLDYDPKSGRTCSASADRLVERVNELNASVRWVLETHVHADHL
SAAAYLKEKLGGHTAIGAHITQVQKVFGALFNAEPGFARDGSQFDVLLEDEEGFRIGNLQARALHTPGHTPACMSFMIED
AGEIAVFVGDTLFMPDYGTARCDFPGADARTLYRSIRRLLAFPDQTRLFMCHDYLPGGRDMQYVTTVAEQRASNIHIHQG
IDEDSFVAMREARDKTLEMPVLILPSVQVNMRSGQLPPPEANGVSYLKIPLNKL
;
_entity_poly.pdbx_strand_id   A,B
#
# COMPACT_ATOMS: atom_id res chain seq x y z
N MET A 1 19.84 28.65 4.61
CA MET A 1 19.46 29.78 5.43
C MET A 1 20.34 29.88 6.67
N ILE A 2 20.65 31.11 7.09
CA ILE A 2 21.46 31.34 8.27
C ILE A 2 20.74 32.24 9.27
N ILE A 3 20.51 31.72 10.47
CA ILE A 3 19.88 32.50 11.53
C ILE A 3 20.95 33.07 12.46
N GLY A 4 20.87 34.37 12.72
CA GLY A 4 21.86 35.03 13.56
C GLY A 4 23.21 35.14 12.87
N ASN A 5 24.18 34.37 13.35
CA ASN A 5 25.52 34.39 12.77
C ASN A 5 26.09 33.01 12.52
N ASN A 6 25.79 32.06 13.41
CA ASN A 6 26.44 30.75 13.36
C ASN A 6 25.45 29.58 13.24
N LEU A 7 24.20 29.87 12.91
CA LEU A 7 23.19 28.83 12.76
C LEU A 7 22.89 28.55 11.30
N HIS A 8 23.41 27.43 10.79
CA HIS A 8 23.22 27.06 9.39
C HIS A 8 22.13 26.00 9.24
N VAL A 9 21.10 26.31 8.46
CA VAL A 9 19.97 25.41 8.27
C VAL A 9 19.74 25.08 6.79
N ASP A 10 19.77 23.79 6.47
CA ASP A 10 19.45 23.31 5.12
C ASP A 10 18.19 22.47 5.12
N ALA A 11 17.21 22.87 4.29
CA ALA A 11 15.94 22.16 4.21
C ALA A 11 15.91 21.21 3.02
N PHE A 12 15.31 20.04 3.22
CA PHE A 12 15.19 19.04 2.16
C PHE A 12 13.73 18.59 2.02
N TYR A 13 13.27 18.45 0.79
CA TYR A 13 11.87 18.13 0.54
C TYR A 13 11.69 16.79 -0.18
N ASP A 14 10.87 15.93 0.41
CA ASP A 14 10.49 14.67 -0.21
C ASP A 14 9.10 14.80 -0.84
N GLU A 15 9.06 14.77 -2.17
CA GLU A 15 7.82 15.00 -2.91
C GLU A 15 6.74 13.98 -2.57
N ALA A 16 7.14 12.73 -2.37
CA ALA A 16 6.20 11.65 -2.14
C ALA A 16 5.40 11.83 -0.86
N THR A 17 6.06 12.24 0.22
CA THR A 17 5.42 12.32 1.52
C THR A 17 5.26 13.76 2.01
N SER A 18 5.73 14.71 1.20
CA SER A 18 5.72 16.13 1.56
C SER A 18 6.48 16.40 2.86
N THR A 19 7.46 15.55 3.15
CA THR A 19 8.22 15.65 4.39
C THR A 19 9.42 16.58 4.25
N ILE A 20 9.62 17.43 5.24
CA ILE A 20 10.75 18.36 5.24
C ILE A 20 11.82 17.93 6.23
N SER A 21 12.99 17.56 5.71
CA SER A 21 14.13 17.20 6.55
C SER A 21 15.04 18.41 6.74
N TYR A 22 15.89 18.36 7.76
CA TYR A 22 16.76 19.50 8.06
C TYR A 22 18.20 19.09 8.38
N LEU A 23 19.13 19.95 7.99
CA LEU A 23 20.52 19.83 8.39
C LEU A 23 20.90 21.09 9.15
N VAL A 24 21.15 20.95 10.45
CA VAL A 24 21.43 22.10 11.32
C VAL A 24 22.88 22.09 11.78
N MET A 25 23.70 22.94 11.19
CA MET A 25 25.14 22.94 11.46
C MET A 25 25.60 24.17 12.23
N ASP A 26 26.50 23.97 13.18
CA ASP A 26 27.18 25.07 13.87
C ASP A 26 28.39 25.49 13.03
N ARG A 27 28.37 26.74 12.57
CA ARG A 27 29.39 27.26 11.66
C ARG A 27 30.82 27.17 12.22
N GLU A 28 30.98 27.47 13.51
CA GLU A 28 32.31 27.47 14.12
C GLU A 28 32.89 26.06 14.25
N THR A 29 32.24 25.24 15.09
CA THR A 29 32.73 23.89 15.37
C THR A 29 32.53 22.94 14.21
N ARG A 30 31.81 23.41 13.19
CA ARG A 30 31.52 22.61 11.99
C ARG A 30 30.78 21.31 12.32
N GLN A 31 30.04 21.32 13.44
CA GLN A 31 29.25 20.17 13.83
C GLN A 31 27.78 20.39 13.52
N CYS A 32 27.04 19.31 13.29
CA CYS A 32 25.67 19.43 12.83
C CYS A 32 24.71 18.41 13.45
N ALA A 33 23.44 18.56 13.10
CA ALA A 33 22.39 17.63 13.52
C ALA A 33 21.43 17.37 12.38
N LEU A 34 20.84 16.19 12.35
CA LEU A 34 19.90 15.82 11.30
C LEU A 34 18.52 15.55 11.88
N ILE A 35 17.51 16.24 11.35
CA ILE A 35 16.16 16.15 11.89
C ILE A 35 15.16 15.57 10.88
N ASP A 36 14.47 14.51 11.29
CA ASP A 36 13.41 13.88 10.51
C ASP A 36 13.87 13.49 9.10
N SER A 37 14.82 12.57 9.03
CA SER A 37 15.32 12.07 7.75
C SER A 37 14.38 11.01 7.18
N VAL A 38 14.31 10.95 5.85
CA VAL A 38 13.37 10.06 5.18
C VAL A 38 14.04 8.86 4.52
N LEU A 39 13.55 7.67 4.84
CA LEU A 39 13.98 6.45 4.17
C LEU A 39 12.95 6.06 3.11
N ASP A 40 13.34 6.15 1.84
CA ASP A 40 12.44 5.89 0.73
C ASP A 40 11.93 4.45 0.75
N TYR A 41 10.63 4.27 0.59
CA TYR A 41 10.02 2.94 0.65
C TYR A 41 8.88 2.81 -0.34
N ASP A 42 8.88 1.70 -1.08
CA ASP A 42 7.83 1.39 -2.04
C ASP A 42 6.92 0.28 -1.48
N PRO A 43 5.68 0.65 -1.14
CA PRO A 43 4.73 -0.28 -0.52
C PRO A 43 4.26 -1.40 -1.46
N LYS A 44 4.38 -1.17 -2.75
CA LYS A 44 3.91 -2.14 -3.74
C LYS A 44 4.83 -3.36 -3.83
N SER A 45 6.13 -3.13 -3.69
CA SER A 45 7.11 -4.19 -3.84
C SER A 45 7.89 -4.47 -2.56
N GLY A 46 7.64 -3.65 -1.53
CA GLY A 46 8.34 -3.79 -0.26
C GLY A 46 9.82 -3.48 -0.39
N ARG A 47 10.15 -2.45 -1.15
CA ARG A 47 11.54 -2.10 -1.42
C ARG A 47 11.95 -0.80 -0.73
N THR A 48 13.05 -0.85 0.01
CA THR A 48 13.58 0.34 0.66
C THR A 48 14.65 1.00 -0.20
N CYS A 49 14.88 2.29 0.03
CA CYS A 49 15.87 3.04 -0.74
C CYS A 49 16.41 4.22 0.08
N SER A 50 17.69 4.52 -0.12
CA SER A 50 18.33 5.62 0.59
C SER A 50 18.75 6.75 -0.36
N ALA A 51 17.96 6.95 -1.41
CA ALA A 51 18.24 8.02 -2.37
C ALA A 51 18.18 9.39 -1.72
N SER A 52 17.17 9.59 -0.88
CA SER A 52 17.02 10.85 -0.16
C SER A 52 18.04 10.95 0.97
N ALA A 53 18.33 9.84 1.61
CA ALA A 53 19.26 9.80 2.73
C ALA A 53 20.69 10.11 2.29
N ASP A 54 21.07 9.62 1.11
CA ASP A 54 22.40 9.85 0.58
C ASP A 54 22.60 11.31 0.18
N ARG A 55 21.50 12.01 -0.05
CA ARG A 55 21.55 13.43 -0.35
C ARG A 55 21.95 14.22 0.90
N LEU A 56 21.64 13.66 2.06
CA LEU A 56 22.05 14.25 3.32
C LEU A 56 23.52 13.93 3.58
N VAL A 57 23.92 12.71 3.23
CA VAL A 57 25.30 12.26 3.41
C VAL A 57 26.28 13.13 2.64
N GLU A 58 26.02 13.36 1.37
CA GLU A 58 26.93 14.11 0.52
C GLU A 58 26.91 15.61 0.83
N ARG A 59 25.80 16.08 1.39
CA ARG A 59 25.69 17.48 1.79
C ARG A 59 26.56 17.77 3.01
N VAL A 60 26.68 16.77 3.90
CA VAL A 60 27.53 16.88 5.07
C VAL A 60 29.00 16.94 4.66
N ASN A 61 29.40 16.06 3.75
CA ASN A 61 30.76 16.03 3.26
C ASN A 61 31.13 17.31 2.51
N GLU A 62 30.15 17.87 1.80
CA GLU A 62 30.36 19.11 1.06
C GLU A 62 30.70 20.25 2.00
N LEU A 63 30.12 20.22 3.19
CA LEU A 63 30.37 21.24 4.20
C LEU A 63 31.51 20.85 5.13
N ASN A 64 32.04 19.64 4.93
CA ASN A 64 33.07 19.06 5.80
C ASN A 64 32.62 19.10 7.25
N ALA A 65 31.36 18.74 7.48
CA ALA A 65 30.75 18.84 8.79
C ALA A 65 30.78 17.52 9.55
N SER A 66 30.36 17.55 10.81
N SER A 66 30.36 17.56 10.81
CA SER A 66 30.34 16.37 11.65
CA SER A 66 30.34 16.38 11.66
C SER A 66 28.98 16.18 12.30
C SER A 66 28.97 16.18 12.30
N VAL A 67 28.44 14.97 12.20
CA VAL A 67 27.12 14.68 12.77
C VAL A 67 27.22 14.34 14.25
N ARG A 68 26.52 15.11 15.07
CA ARG A 68 26.49 14.87 16.52
C ARG A 68 25.14 14.32 16.93
N TRP A 69 24.08 14.81 16.30
CA TRP A 69 22.73 14.39 16.62
C TRP A 69 21.94 13.93 15.40
N VAL A 70 21.15 12.88 15.57
CA VAL A 70 20.19 12.45 14.57
C VAL A 70 18.81 12.43 15.24
N LEU A 71 18.03 13.48 15.01
CA LEU A 71 16.82 13.72 15.79
C LEU A 71 15.54 13.33 15.06
N GLU A 72 14.50 13.06 15.85
CA GLU A 72 13.15 12.83 15.33
C GLU A 72 12.17 13.57 16.23
N THR A 73 11.31 14.39 15.64
CA THR A 73 10.33 15.16 16.41
C THR A 73 9.26 14.24 17.02
N HIS A 74 8.93 13.17 16.29
CA HIS A 74 7.96 12.20 16.76
C HIS A 74 7.98 10.95 15.87
N VAL A 75 7.28 9.91 16.29
N VAL A 75 7.26 9.91 16.29
CA VAL A 75 7.17 8.71 15.47
CA VAL A 75 7.14 8.71 15.48
C VAL A 75 6.24 8.98 14.28
C VAL A 75 6.24 8.97 14.28
N HIS A 76 6.84 9.11 13.10
CA HIS A 76 6.10 9.45 11.89
C HIS A 76 5.19 8.32 11.42
N ALA A 77 4.03 8.70 10.92
CA ALA A 77 3.06 7.72 10.40
C ALA A 77 2.78 7.98 8.93
N ASP A 78 3.75 8.58 8.23
CA ASP A 78 3.58 8.89 6.82
C ASP A 78 4.82 8.56 6.02
N HIS A 79 5.91 8.21 6.71
CA HIS A 79 7.14 7.82 6.04
C HIS A 79 8.07 7.07 6.99
N LEU A 80 9.01 6.32 6.42
CA LEU A 80 9.99 5.58 7.22
C LEU A 80 11.18 6.45 7.55
N SER A 81 11.61 6.40 8.81
CA SER A 81 12.75 7.20 9.27
C SER A 81 14.07 6.57 8.83
N ALA A 82 15.01 7.41 8.38
CA ALA A 82 16.32 6.94 7.96
C ALA A 82 17.40 7.28 8.99
N ALA A 83 17.01 7.27 10.26
CA ALA A 83 17.93 7.60 11.34
C ALA A 83 19.00 6.53 11.54
N ALA A 84 18.60 5.26 11.42
CA ALA A 84 19.53 4.15 11.60
C ALA A 84 20.57 4.10 10.49
N TYR A 85 20.12 4.32 9.26
CA TYR A 85 21.03 4.30 8.11
C TYR A 85 22.05 5.44 8.19
N LEU A 86 21.59 6.62 8.57
CA LEU A 86 22.46 7.78 8.67
C LEU A 86 23.41 7.67 9.86
N LYS A 87 23.00 6.95 10.89
CA LYS A 87 23.84 6.75 12.06
C LYS A 87 24.95 5.74 11.76
N GLU A 88 24.68 4.83 10.85
CA GLU A 88 25.66 3.83 10.47
C GLU A 88 26.59 4.36 9.39
N LYS A 89 26.19 5.47 8.77
CA LYS A 89 26.95 6.05 7.66
C LYS A 89 27.70 7.30 8.09
N LEU A 90 27.11 8.05 9.01
CA LEU A 90 27.66 9.35 9.42
C LEU A 90 27.99 9.39 10.92
N GLY A 91 27.42 8.45 11.67
CA GLY A 91 27.67 8.39 13.10
C GLY A 91 26.74 9.27 13.91
N GLY A 92 27.12 9.51 15.17
CA GLY A 92 26.35 10.38 16.04
C GLY A 92 25.43 9.63 16.99
N HIS A 93 24.52 10.37 17.63
CA HIS A 93 23.57 9.78 18.56
C HIS A 93 22.13 10.09 18.16
N THR A 94 21.29 9.07 18.15
CA THR A 94 19.86 9.25 17.88
C THR A 94 19.14 9.69 19.15
N ALA A 95 18.13 10.53 19.00
CA ALA A 95 17.38 11.02 20.15
C ALA A 95 15.91 11.23 19.83
N ILE A 96 15.06 11.03 20.83
CA ILE A 96 13.62 11.17 20.66
C ILE A 96 12.96 11.47 22.01
N GLY A 97 11.69 11.90 21.97
CA GLY A 97 10.96 12.22 23.18
C GLY A 97 10.86 11.07 24.16
N ALA A 98 10.82 11.39 25.45
CA ALA A 98 10.80 10.38 26.50
C ALA A 98 9.53 9.55 26.50
N HIS A 99 8.46 10.10 25.93
CA HIS A 99 7.18 9.40 25.88
C HIS A 99 7.10 8.43 24.70
N ILE A 100 8.26 8.08 24.16
CA ILE A 100 8.36 7.04 23.14
C ILE A 100 7.85 5.72 23.69
N THR A 101 7.99 5.53 24.99
CA THR A 101 7.58 4.31 25.67
C THR A 101 6.09 4.06 25.54
N GLN A 102 5.31 5.14 25.53
CA GLN A 102 3.86 5.04 25.44
C GLN A 102 3.42 4.52 24.07
N VAL A 103 4.06 5.01 23.02
CA VAL A 103 3.70 4.60 21.66
C VAL A 103 4.27 3.23 21.33
N GLN A 104 5.28 2.80 22.08
CA GLN A 104 5.87 1.49 21.88
C GLN A 104 5.05 0.43 22.59
N LYS A 105 4.32 0.84 23.63
CA LYS A 105 3.42 -0.08 24.33
C LYS A 105 2.20 -0.38 23.48
N VAL A 106 1.59 0.66 22.91
CA VAL A 106 0.40 0.53 22.10
C VAL A 106 0.67 -0.22 20.80
N PHE A 107 1.63 0.25 20.03
CA PHE A 107 1.94 -0.36 18.73
C PHE A 107 2.74 -1.64 18.87
N GLY A 108 3.32 -1.86 20.05
CA GLY A 108 3.98 -3.12 20.33
C GLY A 108 2.94 -4.22 20.45
N ALA A 109 1.73 -3.83 20.85
CA ALA A 109 0.62 -4.75 20.96
C ALA A 109 -0.13 -4.87 19.63
N LEU A 110 -0.27 -3.75 18.93
CA LEU A 110 -1.01 -3.72 17.67
C LEU A 110 -0.32 -4.57 16.60
N PHE A 111 1.01 -4.54 16.56
CA PHE A 111 1.77 -5.30 15.58
C PHE A 111 2.24 -6.64 16.14
N ASN A 112 1.85 -6.93 17.38
CA ASN A 112 2.22 -8.18 18.05
C ASN A 112 3.72 -8.44 17.98
N ALA A 113 4.50 -7.49 18.49
CA ALA A 113 5.96 -7.53 18.39
C ALA A 113 6.57 -8.80 18.98
N GLU A 114 7.60 -9.29 18.30
CA GLU A 114 8.31 -10.50 18.73
C GLU A 114 8.95 -10.33 20.10
N PRO A 115 9.05 -11.43 20.86
CA PRO A 115 9.72 -11.39 22.18
C PRO A 115 11.16 -10.89 22.08
N GLY A 116 11.36 -9.65 22.48
CA GLY A 116 12.68 -9.02 22.39
C GLY A 116 12.56 -7.56 22.04
N PHE A 117 11.38 -7.15 21.60
CA PHE A 117 11.12 -5.75 21.29
C PHE A 117 10.98 -4.93 22.56
N ALA A 118 11.85 -3.94 22.72
CA ALA A 118 11.88 -3.13 23.93
C ALA A 118 10.87 -1.99 23.88
N ARG A 119 10.12 -1.83 24.96
CA ARG A 119 9.11 -0.79 25.06
C ARG A 119 9.51 0.28 26.06
N ASP A 120 10.80 0.57 26.11
CA ASP A 120 11.34 1.58 27.03
C ASP A 120 12.22 2.60 26.31
N GLY A 121 12.13 2.62 24.98
CA GLY A 121 12.92 3.54 24.19
C GLY A 121 14.41 3.21 24.19
N SER A 122 14.72 1.94 24.42
CA SER A 122 16.11 1.48 24.48
C SER A 122 16.80 1.55 23.12
N GLN A 123 16.01 1.52 22.05
CA GLN A 123 16.54 1.58 20.69
C GLN A 123 17.14 2.94 20.39
N PHE A 124 16.68 3.95 21.11
CA PHE A 124 17.19 5.32 20.95
C PHE A 124 18.27 5.62 21.97
N ASP A 125 19.34 6.28 21.53
CA ASP A 125 20.46 6.60 22.40
C ASP A 125 20.07 7.51 23.55
N VAL A 126 19.32 8.57 23.23
CA VAL A 126 18.95 9.57 24.23
C VAL A 126 17.44 9.84 24.23
N LEU A 127 16.82 9.74 25.39
CA LEU A 127 15.41 10.11 25.54
C LEU A 127 15.30 11.52 26.11
N LEU A 128 14.80 12.44 25.28
CA LEU A 128 14.71 13.84 25.66
C LEU A 128 13.49 14.14 26.51
N GLU A 129 13.66 15.03 27.48
CA GLU A 129 12.56 15.45 28.35
C GLU A 129 12.22 16.91 28.08
N ASP A 130 11.13 17.39 28.69
CA ASP A 130 10.68 18.76 28.48
C ASP A 130 11.66 19.77 29.05
N GLU A 131 11.94 20.81 28.26
CA GLU A 131 12.85 21.89 28.65
C GLU A 131 14.27 21.40 28.97
N GLU A 132 14.65 20.27 28.37
CA GLU A 132 16.00 19.74 28.53
C GLU A 132 16.93 20.31 27.47
N GLY A 133 18.07 20.83 27.91
CA GLY A 133 19.02 21.44 27.00
C GLY A 133 20.05 20.46 26.45
N PHE A 134 20.50 20.71 25.23
CA PHE A 134 21.57 19.93 24.62
C PHE A 134 22.33 20.81 23.64
N ARG A 135 23.52 20.37 23.22
CA ARG A 135 24.39 21.23 22.44
C ARG A 135 24.77 20.66 21.07
N ILE A 136 24.61 21.50 20.05
CA ILE A 136 25.14 21.21 18.72
C ILE A 136 26.36 22.10 18.51
N GLY A 137 27.51 21.64 18.98
CA GLY A 137 28.71 22.47 18.98
C GLY A 137 28.59 23.53 20.04
N ASN A 138 28.72 24.79 19.63
CA ASN A 138 28.59 25.91 20.55
C ASN A 138 27.16 26.40 20.64
N LEU A 139 26.30 25.87 19.77
CA LEU A 139 24.89 26.23 19.75
C LEU A 139 24.12 25.56 20.89
N GLN A 140 23.48 26.37 21.72
CA GLN A 140 22.68 25.85 22.81
C GLN A 140 21.25 25.55 22.33
N ALA A 141 20.88 24.28 22.38
CA ALA A 141 19.53 23.87 21.98
C ALA A 141 18.71 23.40 23.17
N ARG A 142 17.41 23.33 22.99
N ARG A 142 17.39 23.39 23.01
CA ARG A 142 16.51 22.90 24.06
CA ARG A 142 16.50 22.89 24.04
C ARG A 142 15.30 22.15 23.52
C ARG A 142 15.36 22.09 23.44
N ALA A 143 15.00 21.00 24.10
CA ALA A 143 13.88 20.16 23.66
C ALA A 143 12.61 20.53 24.41
N LEU A 144 11.54 20.79 23.68
CA LEU A 144 10.26 21.12 24.28
C LEU A 144 9.22 20.05 24.00
N HIS A 145 8.57 19.56 25.04
CA HIS A 145 7.51 18.57 24.89
C HIS A 145 6.23 19.23 24.40
N THR A 146 5.87 18.96 23.15
CA THR A 146 4.73 19.61 22.53
C THR A 146 3.76 18.59 21.92
N PRO A 147 3.07 17.82 22.77
CA PRO A 147 2.25 16.73 22.25
C PRO A 147 0.93 17.23 21.66
N GLY A 148 0.13 16.34 21.10
CA GLY A 148 -1.13 16.73 20.50
C GLY A 148 -1.38 15.95 19.23
N HIS A 149 -0.36 15.94 18.38
CA HIS A 149 -0.33 15.09 17.20
C HIS A 149 -0.03 13.64 17.63
N THR A 150 0.98 13.50 18.48
CA THR A 150 1.30 12.24 19.14
C THR A 150 1.60 12.55 20.60
N PRO A 151 1.57 11.53 21.48
CA PRO A 151 1.89 11.79 22.88
C PRO A 151 3.36 12.10 23.14
N ALA A 152 4.22 11.91 22.12
CA ALA A 152 5.66 12.05 22.31
C ALA A 152 6.28 13.13 21.43
N CYS A 153 5.46 14.04 20.91
CA CYS A 153 5.95 15.09 20.01
C CYS A 153 6.91 16.05 20.72
N MET A 154 8.04 16.32 20.07
CA MET A 154 9.02 17.27 20.60
C MET A 154 9.29 18.39 19.61
N SER A 155 9.57 19.57 20.13
CA SER A 155 9.98 20.69 19.30
C SER A 155 11.38 21.14 19.71
N PHE A 156 12.24 21.36 18.72
CA PHE A 156 13.64 21.68 19.00
C PHE A 156 13.93 23.17 18.81
N MET A 157 14.29 23.82 19.91
CA MET A 157 14.61 25.25 19.92
C MET A 157 16.11 25.48 19.94
N ILE A 158 16.60 26.27 18.99
CA ILE A 158 18.03 26.57 18.91
C ILE A 158 18.28 28.08 18.87
N GLU A 159 19.21 28.53 19.69
CA GLU A 159 19.48 29.96 19.83
C GLU A 159 20.79 30.40 19.19
N ASP A 160 20.77 31.57 18.57
CA ASP A 160 22.00 32.22 18.10
C ASP A 160 21.89 33.72 18.35
N ALA A 161 22.96 34.28 18.90
CA ALA A 161 22.99 35.65 19.42
C ALA A 161 21.90 35.82 20.55
N GLY A 162 20.69 36.38 20.41
CA GLY A 162 20.07 37.05 19.27
C GLY A 162 18.72 36.50 18.88
N GLU A 163 18.71 35.69 17.83
CA GLU A 163 17.47 35.19 17.25
C GLU A 163 17.23 33.73 17.64
N ILE A 164 15.97 33.31 17.56
CA ILE A 164 15.59 31.96 17.94
C ILE A 164 14.99 31.18 16.76
N ALA A 165 15.43 29.94 16.60
CA ALA A 165 14.86 29.05 15.60
C ALA A 165 14.23 27.85 16.28
N VAL A 166 13.00 27.52 15.88
CA VAL A 166 12.28 26.40 16.49
C VAL A 166 11.76 25.42 15.44
N PHE A 167 12.11 24.15 15.60
CA PHE A 167 11.63 23.10 14.72
C PHE A 167 10.43 22.42 15.37
N VAL A 168 9.23 22.80 14.93
CA VAL A 168 8.00 22.49 15.64
C VAL A 168 7.46 21.09 15.36
N GLY A 169 7.92 20.47 14.29
CA GLY A 169 7.43 19.15 13.90
C GLY A 169 6.02 19.22 13.36
N ASP A 170 5.21 18.21 13.69
CA ASP A 170 3.83 18.17 13.22
C ASP A 170 2.88 18.81 14.23
N THR A 171 2.97 20.13 14.36
CA THR A 171 2.04 20.88 15.20
C THR A 171 1.41 21.99 14.35
N LEU A 172 2.24 22.94 13.95
CA LEU A 172 1.82 24.01 13.07
C LEU A 172 2.32 23.79 11.66
N PHE A 173 1.41 23.93 10.69
CA PHE A 173 1.79 24.00 9.29
C PHE A 173 1.90 25.47 8.91
N MET A 174 2.09 25.75 7.62
CA MET A 174 2.07 27.14 7.16
C MET A 174 0.71 27.74 7.47
N PRO A 175 0.67 29.04 7.81
CA PRO A 175 -0.54 29.74 8.23
C PRO A 175 -1.73 29.56 7.29
N ASP A 176 -1.48 29.27 6.02
CA ASP A 176 -2.55 29.09 5.04
C ASP A 176 -3.10 27.67 5.01
N TYR A 177 -2.48 26.76 5.77
CA TYR A 177 -2.92 25.37 5.80
C TYR A 177 -3.43 24.96 7.18
N GLY A 178 -2.90 25.59 8.22
CA GLY A 178 -3.40 25.37 9.57
C GLY A 178 -2.54 24.51 10.47
N THR A 179 -3.12 23.45 11.01
CA THR A 179 -2.46 22.62 12.00
C THR A 179 -2.46 21.14 11.62
N ALA A 180 -1.87 20.31 12.47
CA ALA A 180 -1.78 18.87 12.22
C ALA A 180 -3.03 18.13 12.69
N ARG A 181 -3.12 16.85 12.36
CA ARG A 181 -4.27 16.04 12.70
C ARG A 181 -4.17 15.45 14.10
N CYS A 182 -5.30 15.03 14.66
CA CYS A 182 -5.33 14.44 15.99
C CYS A 182 -6.23 13.21 16.08
N ASP A 183 -6.22 12.38 15.03
CA ASP A 183 -7.00 11.15 15.02
C ASP A 183 -6.12 9.95 15.34
N PHE A 184 -4.80 10.15 15.25
N PHE A 184 -4.81 10.16 15.26
CA PHE A 184 -3.86 9.07 15.55
CA PHE A 184 -3.79 9.18 15.62
C PHE A 184 -3.96 8.68 17.02
C PHE A 184 -3.98 8.69 17.06
N PRO A 185 -3.81 7.37 17.30
CA PRO A 185 -3.94 6.83 18.65
C PRO A 185 -2.98 7.47 19.66
N GLY A 186 -3.54 8.21 20.62
CA GLY A 186 -2.74 8.89 21.62
C GLY A 186 -2.82 10.40 21.48
N ALA A 187 -3.38 10.85 20.36
CA ALA A 187 -3.49 12.28 20.08
C ALA A 187 -4.68 12.92 20.79
N ASP A 188 -4.65 14.25 20.93
CA ASP A 188 -5.75 14.99 21.52
C ASP A 188 -5.71 16.45 21.06
N ALA A 189 -6.81 16.92 20.51
CA ALA A 189 -6.89 18.24 19.90
C ALA A 189 -6.77 19.38 20.91
N ARG A 190 -7.36 19.19 22.09
N ARG A 190 -7.36 19.18 22.09
CA ARG A 190 -7.31 20.22 23.12
CA ARG A 190 -7.33 20.19 23.14
C ARG A 190 -5.89 20.44 23.64
C ARG A 190 -5.91 20.43 23.65
N THR A 191 -5.15 19.35 23.81
CA THR A 191 -3.78 19.44 24.30
C THR A 191 -2.82 19.94 23.21
N LEU A 192 -3.18 19.74 21.95
CA LEU A 192 -2.40 20.28 20.84
C LEU A 192 -2.52 21.79 20.81
N TYR A 193 -3.73 22.30 21.09
CA TYR A 193 -3.97 23.74 21.17
C TYR A 193 -3.03 24.36 22.20
N ARG A 194 -2.89 23.68 23.33
CA ARG A 194 -2.08 24.16 24.43
C ARG A 194 -0.59 24.14 24.09
N SER A 195 -0.17 23.11 23.37
CA SER A 195 1.22 23.00 22.93
C SER A 195 1.57 24.12 21.95
N ILE A 196 0.66 24.41 21.03
CA ILE A 196 0.88 25.45 20.04
C ILE A 196 0.95 26.83 20.69
N ARG A 197 0.09 27.09 21.67
CA ARG A 197 0.08 28.37 22.37
C ARG A 197 1.40 28.62 23.11
N ARG A 198 2.01 27.56 23.60
CA ARG A 198 3.33 27.65 24.21
C ARG A 198 4.36 28.08 23.16
N LEU A 199 4.23 27.53 21.96
CA LEU A 199 5.15 27.83 20.86
C LEU A 199 4.98 29.27 20.39
N LEU A 200 3.73 29.75 20.39
CA LEU A 200 3.42 31.10 19.93
C LEU A 200 3.62 32.13 21.04
N ALA A 201 4.15 31.68 22.16
CA ALA A 201 4.47 32.58 23.27
C ALA A 201 5.90 33.11 23.12
N PHE A 202 6.67 32.47 22.25
CA PHE A 202 8.02 32.92 21.90
C PHE A 202 7.97 34.32 21.28
N PRO A 203 9.12 35.02 21.26
CA PRO A 203 9.21 36.31 20.59
C PRO A 203 8.66 36.27 19.16
N ASP A 204 8.03 37.36 18.73
CA ASP A 204 7.35 37.38 17.42
C ASP A 204 8.31 37.23 16.25
N GLN A 205 9.58 37.52 16.47
CA GLN A 205 10.58 37.44 15.41
C GLN A 205 11.15 36.02 15.27
N THR A 206 10.78 35.15 16.20
CA THR A 206 11.26 33.77 16.19
C THR A 206 10.81 33.02 14.94
N ARG A 207 11.76 32.37 14.27
CA ARG A 207 11.48 31.61 13.07
C ARG A 207 10.98 30.21 13.41
N LEU A 208 10.00 29.74 12.67
CA LEU A 208 9.45 28.39 12.88
C LEU A 208 9.66 27.54 11.63
N PHE A 209 10.18 26.34 11.84
CA PHE A 209 10.46 25.42 10.72
C PHE A 209 9.50 24.25 10.71
N MET A 210 8.78 24.09 9.60
CA MET A 210 7.71 23.11 9.47
C MET A 210 8.25 21.70 9.22
N CYS A 211 7.39 20.71 9.42
CA CYS A 211 7.74 19.31 9.16
C CYS A 211 7.15 18.84 7.84
N HIS A 212 6.05 19.48 7.42
CA HIS A 212 5.40 19.16 6.16
C HIS A 212 4.92 20.41 5.43
N ASP A 213 4.82 20.30 4.11
CA ASP A 213 4.19 21.34 3.30
C ASP A 213 3.40 20.69 2.17
N TYR A 214 2.09 20.65 2.31
CA TYR A 214 1.24 19.92 1.39
C TYR A 214 0.80 20.75 0.19
N LEU A 215 1.38 21.94 0.05
CA LEU A 215 1.15 22.79 -1.12
C LEU A 215 -0.31 23.11 -1.39
N PRO A 216 -0.91 23.99 -0.57
CA PRO A 216 -2.29 24.43 -0.83
C PRO A 216 -2.38 25.15 -2.17
N GLY A 217 -2.91 24.46 -3.18
CA GLY A 217 -2.95 24.99 -4.52
C GLY A 217 -1.66 24.68 -5.26
N GLY A 218 -0.88 25.71 -5.54
CA GLY A 218 0.40 25.55 -6.20
C GLY A 218 1.25 26.80 -6.03
N ARG A 219 2.08 26.82 -4.99
CA ARG A 219 2.86 28.00 -4.66
C ARG A 219 4.29 27.67 -4.24
N ASP A 220 4.79 26.52 -4.70
CA ASP A 220 6.13 26.04 -4.37
C ASP A 220 6.30 25.75 -2.87
N MET A 221 7.33 24.99 -2.52
CA MET A 221 7.51 24.54 -1.15
C MET A 221 7.94 25.67 -0.23
N GLN A 222 7.33 25.71 0.95
CA GLN A 222 7.67 26.69 1.99
C GLN A 222 7.84 26.00 3.33
N TYR A 223 8.96 26.26 4.00
CA TYR A 223 9.30 25.55 5.23
C TYR A 223 9.49 26.47 6.44
N VAL A 224 9.65 27.76 6.19
CA VAL A 224 9.94 28.69 7.28
C VAL A 224 8.92 29.82 7.39
N THR A 225 8.49 30.08 8.63
CA THR A 225 7.61 31.21 8.92
C THR A 225 8.01 31.84 10.25
N THR A 226 7.24 32.81 10.71
CA THR A 226 7.53 33.45 12.00
C THR A 226 6.35 33.30 12.96
N VAL A 227 6.61 33.59 14.24
CA VAL A 227 5.57 33.52 15.27
C VAL A 227 4.51 34.59 15.05
N ALA A 228 4.96 35.77 14.63
CA ALA A 228 4.06 36.90 14.39
C ALA A 228 3.11 36.60 13.23
N GLU A 229 3.64 35.97 12.18
CA GLU A 229 2.83 35.63 11.01
C GLU A 229 1.78 34.57 11.36
N GLN A 230 2.17 33.61 12.18
CA GLN A 230 1.25 32.56 12.62
C GLN A 230 0.15 33.11 13.51
N ARG A 231 0.51 34.04 14.38
CA ARG A 231 -0.45 34.62 15.32
C ARG A 231 -1.48 35.50 14.62
N ALA A 232 -1.15 35.97 13.43
CA ALA A 232 -1.99 36.96 12.76
C ALA A 232 -2.83 36.37 11.62
N SER A 233 -2.40 35.26 11.04
CA SER A 233 -3.06 34.77 9.84
C SER A 233 -3.18 33.25 9.72
N ASN A 234 -2.97 32.52 10.81
CA ASN A 234 -3.17 31.07 10.78
C ASN A 234 -4.66 30.76 10.68
N ILE A 235 -5.05 30.03 9.64
CA ILE A 235 -6.46 29.76 9.37
C ILE A 235 -7.12 28.86 10.40
N HIS A 236 -6.30 28.24 11.26
CA HIS A 236 -6.83 27.29 12.24
C HIS A 236 -6.71 27.79 13.68
N ILE A 237 -5.61 28.47 14.00
CA ILE A 237 -5.31 28.79 15.40
C ILE A 237 -4.62 30.15 15.56
N HIS A 238 -5.06 31.14 14.79
CA HIS A 238 -4.55 32.49 14.97
C HIS A 238 -5.01 33.05 16.33
N GLN A 239 -4.51 34.22 16.69
CA GLN A 239 -4.70 34.77 18.04
C GLN A 239 -6.17 34.86 18.47
N GLY A 240 -7.07 35.06 17.53
CA GLY A 240 -8.48 35.26 17.84
C GLY A 240 -9.27 33.98 18.06
N ILE A 241 -8.60 32.84 18.05
CA ILE A 241 -9.28 31.55 18.21
C ILE A 241 -9.19 31.03 19.64
N ASP A 242 -10.34 30.78 20.26
CA ASP A 242 -10.40 30.24 21.61
C ASP A 242 -10.12 28.74 21.59
N GLU A 243 -9.84 28.18 22.77
CA GLU A 243 -9.53 26.76 22.88
C GLU A 243 -10.71 25.88 22.48
N ASP A 244 -11.89 26.19 23.01
CA ASP A 244 -13.10 25.41 22.72
C ASP A 244 -13.45 25.44 21.23
N SER A 245 -13.25 26.59 20.60
CA SER A 245 -13.57 26.75 19.18
C SER A 245 -12.59 25.97 18.30
N PHE A 246 -11.36 25.79 18.78
CA PHE A 246 -10.36 25.04 18.03
C PHE A 246 -10.62 23.55 18.09
N VAL A 247 -10.94 23.05 19.29
CA VAL A 247 -11.19 21.63 19.50
C VAL A 247 -12.36 21.15 18.63
N ALA A 248 -13.43 21.94 18.59
CA ALA A 248 -14.58 21.62 17.78
C ALA A 248 -14.23 21.59 16.29
N MET A 249 -13.34 22.50 15.89
CA MET A 249 -12.90 22.57 14.50
C MET A 249 -11.98 21.40 14.16
N ARG A 250 -10.99 21.17 15.02
CA ARG A 250 -9.97 20.15 14.77
C ARG A 250 -10.56 18.74 14.76
N GLU A 251 -11.36 18.42 15.77
CA GLU A 251 -11.92 17.09 15.91
C GLU A 251 -12.95 16.77 14.82
N ALA A 252 -13.61 17.80 14.31
CA ALA A 252 -14.57 17.61 13.23
C ALA A 252 -13.85 17.37 11.91
N ARG A 253 -12.69 17.99 11.74
CA ARG A 253 -11.93 17.86 10.51
C ARG A 253 -11.25 16.50 10.41
N ASP A 254 -10.82 15.96 11.54
CA ASP A 254 -10.12 14.68 11.58
C ASP A 254 -11.04 13.52 11.20
N LYS A 255 -12.35 13.70 11.39
CA LYS A 255 -13.32 12.68 11.04
C LYS A 255 -13.48 12.57 9.53
N THR A 256 -12.98 13.57 8.81
CA THR A 256 -13.07 13.59 7.35
C THR A 256 -11.73 13.28 6.69
N LEU A 257 -10.87 12.57 7.43
CA LEU A 257 -9.53 12.27 6.94
C LEU A 257 -9.29 10.77 6.78
N GLU A 258 -8.65 10.40 5.68
CA GLU A 258 -8.23 9.02 5.45
C GLU A 258 -6.87 8.75 6.08
N MET A 259 -6.56 7.48 6.29
CA MET A 259 -5.27 7.09 6.83
C MET A 259 -4.16 7.34 5.81
N PRO A 260 -2.97 7.75 6.29
CA PRO A 260 -1.81 7.90 5.41
C PRO A 260 -1.47 6.59 4.72
N VAL A 261 -0.91 6.65 3.52
CA VAL A 261 -0.61 5.47 2.73
C VAL A 261 0.34 4.52 3.46
N LEU A 262 1.36 5.07 4.11
CA LEU A 262 2.40 4.28 4.74
C LEU A 262 2.28 4.22 6.27
N ILE A 263 1.07 4.43 6.80
CA ILE A 263 0.92 4.54 8.25
C ILE A 263 1.29 3.25 9.00
N LEU A 264 0.93 2.10 8.44
CA LEU A 264 1.22 0.82 9.09
C LEU A 264 2.68 0.38 8.94
N PRO A 265 3.28 0.52 7.75
CA PRO A 265 4.69 0.13 7.70
C PRO A 265 5.65 1.12 8.36
N SER A 266 5.28 2.41 8.41
CA SER A 266 6.17 3.42 8.96
C SER A 266 6.31 3.32 10.48
N VAL A 267 5.17 3.22 11.17
CA VAL A 267 5.16 3.22 12.63
C VAL A 267 5.95 2.05 13.22
N GLN A 268 5.74 0.86 12.67
CA GLN A 268 6.41 -0.33 13.18
C GLN A 268 7.92 -0.31 12.91
N VAL A 269 8.33 0.56 12.00
CA VAL A 269 9.75 0.73 11.71
C VAL A 269 10.32 1.89 12.53
N ASN A 270 9.57 2.98 12.62
CA ASN A 270 10.01 4.16 13.35
C ASN A 270 10.02 3.94 14.86
N MET A 271 9.25 2.97 15.33
CA MET A 271 9.24 2.63 16.75
C MET A 271 10.45 1.77 17.11
N ARG A 272 11.22 1.40 16.09
CA ARG A 272 12.45 0.65 16.28
C ARG A 272 13.66 1.51 15.97
N SER A 273 13.47 2.83 16.06
CA SER A 273 14.51 3.82 15.75
C SER A 273 15.01 3.67 14.31
N GLY A 274 14.10 3.36 13.39
CA GLY A 274 14.43 3.25 11.98
C GLY A 274 14.96 1.88 11.59
N GLN A 275 14.89 0.93 12.52
CA GLN A 275 15.37 -0.42 12.25
C GLN A 275 14.23 -1.32 11.78
N LEU A 276 14.54 -2.20 10.83
CA LEU A 276 13.56 -3.15 10.33
C LEU A 276 13.36 -4.30 11.32
N PRO A 277 12.20 -4.95 11.29
CA PRO A 277 11.95 -6.12 12.15
C PRO A 277 13.00 -7.21 11.94
N PRO A 278 13.46 -7.85 13.03
CA PRO A 278 14.49 -8.88 12.94
C PRO A 278 14.09 -10.04 12.02
N PRO A 279 15.02 -10.49 11.16
CA PRO A 279 14.74 -11.53 10.17
C PRO A 279 14.21 -12.82 10.77
N GLU A 280 13.36 -13.53 10.04
CA GLU A 280 12.86 -14.82 10.49
C GLU A 280 13.89 -15.91 10.19
N ALA A 281 13.44 -17.16 10.23
CA ALA A 281 14.34 -18.30 10.01
C ALA A 281 14.88 -18.32 8.59
N ASN A 282 14.09 -17.84 7.63
CA ASN A 282 14.49 -17.86 6.23
C ASN A 282 15.34 -16.64 5.85
N GLY A 283 15.72 -15.85 6.85
CA GLY A 283 16.57 -14.70 6.63
C GLY A 283 15.86 -13.53 5.98
N VAL A 284 14.54 -13.46 6.15
CA VAL A 284 13.75 -12.39 5.56
C VAL A 284 12.99 -11.61 6.63
N SER A 285 13.06 -10.29 6.56
CA SER A 285 12.30 -9.43 7.47
C SER A 285 10.91 -9.19 6.90
N TYR A 286 9.92 -9.16 7.79
CA TYR A 286 8.53 -8.97 7.39
C TYR A 286 7.84 -7.87 8.19
N LEU A 287 7.09 -7.03 7.49
CA LEU A 287 6.23 -6.05 8.15
C LEU A 287 4.85 -6.65 8.38
N LYS A 288 4.43 -6.71 9.64
CA LYS A 288 3.11 -7.25 9.97
C LYS A 288 2.02 -6.22 9.69
N ILE A 289 1.05 -6.60 8.88
CA ILE A 289 -0.09 -5.73 8.58
C ILE A 289 -1.35 -6.27 9.24
N PRO A 290 -1.77 -5.64 10.35
CA PRO A 290 -2.99 -6.03 11.06
C PRO A 290 -4.24 -5.83 10.20
N LEU A 291 -5.11 -6.83 10.19
CA LEU A 291 -6.30 -6.79 9.36
C LEU A 291 -7.55 -6.40 10.16
N ASN A 292 -8.24 -5.37 9.69
CA ASN A 292 -9.47 -4.88 10.32
C ASN A 292 -9.25 -4.51 11.80
N LYS A 293 -8.23 -3.70 12.05
CA LYS A 293 -7.86 -3.33 13.41
C LYS A 293 -7.40 -1.89 13.52
N LEU A 294 -7.97 -1.03 12.68
CA LEU A 294 -7.56 0.38 12.66
C LEU A 294 -8.73 1.28 12.26
N MET B 1 -26.03 -10.25 -21.00
CA MET B 1 -25.99 -10.94 -22.28
C MET B 1 -26.65 -12.30 -22.21
N ILE B 2 -27.20 -12.74 -23.34
CA ILE B 2 -27.70 -14.10 -23.49
C ILE B 2 -27.15 -14.72 -24.75
N ILE B 3 -26.19 -15.63 -24.59
CA ILE B 3 -25.57 -16.31 -25.72
C ILE B 3 -26.28 -17.63 -25.98
N GLY B 4 -26.55 -17.92 -27.25
CA GLY B 4 -27.27 -19.12 -27.62
C GLY B 4 -28.74 -19.00 -27.25
N ASN B 5 -29.15 -19.71 -26.21
CA ASN B 5 -30.54 -19.68 -25.75
C ASN B 5 -30.66 -19.61 -24.23
N ASN B 6 -29.77 -20.32 -23.53
CA ASN B 6 -29.88 -20.42 -22.08
C ASN B 6 -28.62 -20.01 -21.32
N LEU B 7 -27.65 -19.46 -22.04
CA LEU B 7 -26.42 -18.98 -21.40
C LEU B 7 -26.59 -17.51 -20.99
N HIS B 8 -26.80 -17.30 -19.69
CA HIS B 8 -27.00 -15.96 -19.15
C HIS B 8 -25.73 -15.45 -18.47
N VAL B 9 -25.23 -14.31 -18.93
CA VAL B 9 -23.99 -13.74 -18.42
C VAL B 9 -24.15 -12.31 -17.92
N ASP B 10 -23.81 -12.09 -16.65
CA ASP B 10 -23.81 -10.74 -16.07
C ASP B 10 -22.39 -10.30 -15.73
N ALA B 11 -22.03 -9.08 -16.12
CA ALA B 11 -20.69 -8.56 -15.89
C ALA B 11 -20.68 -7.51 -14.76
N PHE B 12 -19.63 -7.54 -13.95
CA PHE B 12 -19.49 -6.61 -12.84
C PHE B 12 -18.10 -5.98 -12.86
N TYR B 13 -18.04 -4.65 -12.90
CA TYR B 13 -16.76 -3.96 -13.05
C TYR B 13 -16.37 -3.19 -11.79
N ASP B 14 -15.18 -3.51 -11.28
CA ASP B 14 -14.62 -2.79 -10.13
C ASP B 14 -13.56 -1.80 -10.61
N GLU B 15 -13.88 -0.50 -10.51
CA GLU B 15 -13.01 0.55 -11.04
C GLU B 15 -11.64 0.58 -10.38
N ALA B 16 -11.61 0.28 -9.09
CA ALA B 16 -10.37 0.35 -8.31
C ALA B 16 -9.31 -0.61 -8.83
N THR B 17 -9.72 -1.81 -9.21
CA THR B 17 -8.78 -2.84 -9.66
C THR B 17 -8.96 -3.18 -11.13
N SER B 18 -9.90 -2.51 -11.79
CA SER B 18 -10.22 -2.75 -13.19
C SER B 18 -10.61 -4.20 -13.45
N THR B 19 -11.10 -4.88 -12.40
CA THR B 19 -11.43 -6.30 -12.49
C THR B 19 -12.87 -6.54 -12.89
N ILE B 20 -13.06 -7.37 -13.91
CA ILE B 20 -14.39 -7.74 -14.38
C ILE B 20 -14.81 -9.09 -13.80
N SER B 21 -15.84 -9.07 -12.95
CA SER B 21 -16.40 -10.30 -12.40
C SER B 21 -17.56 -10.78 -13.24
N TYR B 22 -17.92 -12.06 -13.10
CA TYR B 22 -18.98 -12.64 -13.92
C TYR B 22 -19.96 -13.51 -13.15
N LEU B 23 -21.23 -13.40 -13.53
CA LEU B 23 -22.26 -14.32 -13.07
C LEU B 23 -22.79 -15.08 -14.28
N VAL B 24 -22.54 -16.39 -14.31
CA VAL B 24 -22.94 -17.22 -15.44
C VAL B 24 -24.01 -18.23 -15.05
N MET B 25 -25.22 -18.03 -15.55
CA MET B 25 -26.36 -18.85 -15.17
C MET B 25 -26.95 -19.65 -16.34
N ASP B 26 -27.34 -20.90 -16.06
CA ASP B 26 -28.17 -21.67 -16.98
C ASP B 26 -29.63 -21.30 -16.75
N ARG B 27 -30.26 -20.72 -17.77
CA ARG B 27 -31.62 -20.23 -17.64
C ARG B 27 -32.65 -21.34 -17.44
N GLU B 28 -32.32 -22.55 -17.88
CA GLU B 28 -33.23 -23.67 -17.78
C GLU B 28 -33.40 -24.16 -16.33
N THR B 29 -32.30 -24.17 -15.59
CA THR B 29 -32.33 -24.66 -14.21
C THR B 29 -32.12 -23.55 -13.19
N ARG B 30 -31.88 -22.33 -13.70
CA ARG B 30 -31.63 -21.16 -12.86
C ARG B 30 -30.45 -21.41 -11.92
N GLN B 31 -29.52 -22.24 -12.37
CA GLN B 31 -28.32 -22.57 -11.61
C GLN B 31 -27.12 -21.85 -12.21
N CYS B 32 -26.29 -21.25 -11.37
CA CYS B 32 -25.26 -20.33 -11.86
C CYS B 32 -23.85 -20.63 -11.38
N ALA B 33 -22.92 -19.77 -11.80
CA ALA B 33 -21.52 -19.83 -11.38
C ALA B 33 -20.94 -18.43 -11.25
N LEU B 34 -20.04 -18.25 -10.29
CA LEU B 34 -19.42 -16.95 -10.04
C LEU B 34 -17.92 -17.01 -10.35
N ILE B 35 -17.47 -16.13 -11.24
CA ILE B 35 -16.09 -16.14 -11.70
C ILE B 35 -15.33 -14.85 -11.32
N ASP B 36 -14.17 -15.03 -10.72
CA ASP B 36 -13.26 -13.93 -10.35
C ASP B 36 -13.94 -12.83 -9.56
N SER B 37 -14.45 -13.18 -8.38
CA SER B 37 -15.08 -12.20 -7.51
C SER B 37 -14.03 -11.33 -6.82
N VAL B 38 -14.40 -10.08 -6.55
CA VAL B 38 -13.49 -9.12 -5.95
C VAL B 38 -13.77 -8.89 -4.46
N LEU B 39 -12.73 -9.03 -3.64
CA LEU B 39 -12.84 -8.72 -2.22
C LEU B 39 -12.20 -7.35 -1.95
N ASP B 40 -13.04 -6.35 -1.65
CA ASP B 40 -12.54 -4.99 -1.48
C ASP B 40 -11.58 -4.88 -0.30
N TYR B 41 -10.47 -4.19 -0.51
CA TYR B 41 -9.43 -4.07 0.50
C TYR B 41 -8.68 -2.75 0.38
N ASP B 42 -8.48 -2.10 1.52
CA ASP B 42 -7.74 -0.85 1.59
C ASP B 42 -6.38 -1.06 2.23
N PRO B 43 -5.31 -0.92 1.43
CA PRO B 43 -3.94 -1.17 1.89
C PRO B 43 -3.46 -0.20 2.96
N LYS B 44 -4.07 0.98 3.01
CA LYS B 44 -3.68 2.01 3.97
C LYS B 44 -4.07 1.63 5.39
N SER B 45 -5.34 1.26 5.57
CA SER B 45 -5.86 0.95 6.90
C SER B 45 -5.89 -0.55 7.17
N GLY B 46 -5.67 -1.34 6.12
CA GLY B 46 -5.68 -2.79 6.25
C GLY B 46 -7.06 -3.35 6.56
N ARG B 47 -8.09 -2.73 5.99
CA ARG B 47 -9.46 -3.15 6.25
C ARG B 47 -10.14 -3.74 5.01
N THR B 48 -10.89 -4.82 5.23
CA THR B 48 -11.63 -5.45 4.14
C THR B 48 -13.08 -5.00 4.14
N CYS B 49 -13.80 -5.33 3.08
CA CYS B 49 -15.19 -4.94 2.92
C CYS B 49 -15.84 -5.74 1.79
N SER B 50 -17.03 -6.26 2.06
CA SER B 50 -17.75 -7.09 1.10
C SER B 50 -18.77 -6.29 0.30
N ALA B 51 -18.41 -5.05 -0.02
CA ALA B 51 -19.30 -4.15 -0.75
C ALA B 51 -19.58 -4.67 -2.16
N SER B 52 -18.53 -5.02 -2.88
CA SER B 52 -18.66 -5.52 -4.25
C SER B 52 -19.20 -6.94 -4.27
N ALA B 53 -18.87 -7.71 -3.25
CA ALA B 53 -19.30 -9.11 -3.16
C ALA B 53 -20.81 -9.20 -2.95
N ASP B 54 -21.36 -8.23 -2.23
CA ASP B 54 -22.80 -8.19 -1.97
C ASP B 54 -23.58 -7.83 -3.22
N ARG B 55 -22.90 -7.25 -4.20
CA ARG B 55 -23.50 -6.97 -5.49
C ARG B 55 -23.83 -8.26 -6.23
N LEU B 56 -23.04 -9.30 -5.94
CA LEU B 56 -23.27 -10.60 -6.55
C LEU B 56 -24.37 -11.35 -5.81
N VAL B 57 -24.40 -11.19 -4.49
CA VAL B 57 -25.40 -11.85 -3.66
C VAL B 57 -26.80 -11.33 -4.00
N GLU B 58 -26.92 -10.04 -4.24
CA GLU B 58 -28.19 -9.44 -4.61
C GLU B 58 -28.66 -9.90 -5.99
N ARG B 59 -27.71 -9.98 -6.93
CA ARG B 59 -28.02 -10.39 -8.29
C ARG B 59 -28.49 -11.85 -8.35
N VAL B 60 -27.91 -12.69 -7.50
CA VAL B 60 -28.30 -14.08 -7.40
C VAL B 60 -29.72 -14.22 -6.88
N ASN B 61 -30.02 -13.52 -5.79
CA ASN B 61 -31.35 -13.56 -5.18
C ASN B 61 -32.42 -12.93 -6.07
N GLU B 62 -32.02 -11.90 -6.82
CA GLU B 62 -32.93 -11.23 -7.74
C GLU B 62 -33.38 -12.17 -8.87
N LEU B 63 -32.51 -13.10 -9.22
CA LEU B 63 -32.79 -14.05 -10.30
C LEU B 63 -33.29 -15.39 -9.77
N ASN B 64 -33.48 -15.46 -8.45
N ASN B 64 -33.46 -15.47 -8.45
CA ASN B 64 -33.84 -16.71 -7.78
CA ASN B 64 -33.85 -16.72 -7.79
C ASN B 64 -32.86 -17.82 -8.15
C ASN B 64 -32.86 -17.84 -8.13
N ALA B 65 -31.57 -17.51 -8.07
CA ALA B 65 -30.52 -18.41 -8.52
C ALA B 65 -30.00 -19.35 -7.45
N SER B 66 -29.07 -20.21 -7.84
N SER B 66 -29.08 -20.22 -7.85
CA SER B 66 -28.45 -21.16 -6.94
CA SER B 66 -28.45 -21.16 -6.94
C SER B 66 -26.99 -21.39 -7.35
C SER B 66 -26.99 -21.39 -7.35
N VAL B 67 -26.06 -20.96 -6.51
CA VAL B 67 -24.65 -21.06 -6.83
C VAL B 67 -24.16 -22.51 -6.79
N ARG B 68 -23.59 -22.95 -7.91
CA ARG B 68 -23.06 -24.29 -8.03
C ARG B 68 -21.53 -24.25 -8.06
N TRP B 69 -20.99 -23.24 -8.72
CA TRP B 69 -19.53 -23.10 -8.83
C TRP B 69 -19.06 -21.70 -8.45
N VAL B 70 -17.91 -21.66 -7.76
CA VAL B 70 -17.21 -20.41 -7.50
C VAL B 70 -15.83 -20.50 -8.12
N LEU B 71 -15.69 -19.98 -9.33
CA LEU B 71 -14.49 -20.20 -10.13
C LEU B 71 -13.45 -19.09 -9.99
N GLU B 72 -12.20 -19.45 -10.26
CA GLU B 72 -11.10 -18.50 -10.29
C GLU B 72 -10.17 -18.87 -11.44
N THR B 73 -9.96 -17.94 -12.36
CA THR B 73 -9.11 -18.21 -13.53
C THR B 73 -7.65 -18.43 -13.14
N HIS B 74 -7.19 -17.68 -12.15
CA HIS B 74 -5.82 -17.79 -11.67
C HIS B 74 -5.64 -17.10 -10.31
N VAL B 75 -4.45 -17.22 -9.75
CA VAL B 75 -4.13 -16.52 -8.51
C VAL B 75 -3.89 -15.04 -8.81
N HIS B 76 -4.90 -14.21 -8.52
CA HIS B 76 -4.85 -12.80 -8.83
C HIS B 76 -3.79 -12.06 -8.02
N ALA B 77 -3.03 -11.20 -8.68
CA ALA B 77 -2.00 -10.42 -8.01
C ALA B 77 -2.34 -8.92 -8.07
N ASP B 78 -3.61 -8.61 -8.28
CA ASP B 78 -4.04 -7.22 -8.38
C ASP B 78 -5.21 -6.92 -7.45
N HIS B 79 -5.82 -7.97 -6.91
CA HIS B 79 -6.95 -7.81 -6.00
C HIS B 79 -7.15 -9.05 -5.15
N LEU B 80 -7.93 -8.91 -4.09
CA LEU B 80 -8.25 -10.05 -3.22
C LEU B 80 -9.50 -10.77 -3.71
N SER B 81 -9.47 -12.10 -3.64
CA SER B 81 -10.61 -12.91 -4.06
C SER B 81 -11.69 -12.97 -2.98
N ALA B 82 -12.95 -12.90 -3.40
CA ALA B 82 -14.07 -12.98 -2.47
C ALA B 82 -14.74 -14.35 -2.54
N ALA B 83 -13.99 -15.36 -2.97
CA ALA B 83 -14.53 -16.70 -3.14
C ALA B 83 -14.99 -17.33 -1.84
N ALA B 84 -14.24 -17.11 -0.76
CA ALA B 84 -14.57 -17.68 0.54
C ALA B 84 -15.82 -17.03 1.14
N TYR B 85 -15.94 -15.72 0.98
CA TYR B 85 -17.10 -14.99 1.48
C TYR B 85 -18.38 -15.41 0.76
N LEU B 86 -18.29 -15.58 -0.56
CA LEU B 86 -19.45 -15.93 -1.37
C LEU B 86 -19.91 -17.36 -1.11
N LYS B 87 -18.95 -18.26 -0.89
CA LYS B 87 -19.28 -19.64 -0.60
C LYS B 87 -19.93 -19.74 0.78
N GLU B 88 -19.58 -18.82 1.67
CA GLU B 88 -20.12 -18.82 3.03
C GLU B 88 -21.53 -18.23 3.09
N LYS B 89 -21.94 -17.56 2.02
CA LYS B 89 -23.26 -16.93 1.99
C LYS B 89 -24.16 -17.49 0.89
N LEU B 90 -23.57 -18.10 -0.11
CA LEU B 90 -24.34 -18.60 -1.25
C LEU B 90 -24.08 -20.08 -1.52
N GLY B 91 -23.07 -20.63 -0.87
CA GLY B 91 -22.74 -22.04 -1.01
C GLY B 91 -22.08 -22.37 -2.34
N GLY B 92 -21.94 -23.65 -2.62
CA GLY B 92 -21.34 -24.10 -3.86
C GLY B 92 -19.95 -24.67 -3.68
N HIS B 93 -19.27 -24.92 -4.80
CA HIS B 93 -17.91 -25.45 -4.77
C HIS B 93 -16.92 -24.48 -5.40
N THR B 94 -15.78 -24.29 -4.74
CA THR B 94 -14.69 -23.48 -5.29
C THR B 94 -13.84 -24.33 -6.22
N ALA B 95 -13.30 -23.72 -7.26
CA ALA B 95 -12.48 -24.45 -8.23
C ALA B 95 -11.36 -23.59 -8.79
N ILE B 96 -10.21 -24.21 -9.02
CA ILE B 96 -9.05 -23.53 -9.57
C ILE B 96 -8.15 -24.55 -10.27
N GLY B 97 -7.20 -24.06 -11.07
CA GLY B 97 -6.31 -24.93 -11.81
C GLY B 97 -5.49 -25.86 -10.93
N ALA B 98 -5.18 -27.03 -11.45
CA ALA B 98 -4.45 -28.04 -10.69
C ALA B 98 -3.03 -27.59 -10.34
N HIS B 99 -2.49 -26.65 -11.13
CA HIS B 99 -1.14 -26.16 -10.91
C HIS B 99 -1.09 -25.07 -9.85
N ILE B 100 -2.12 -25.00 -9.03
CA ILE B 100 -2.14 -24.12 -7.87
C ILE B 100 -1.02 -24.53 -6.91
N THR B 101 -0.68 -25.81 -6.94
CA THR B 101 0.34 -26.38 -6.07
C THR B 101 1.71 -25.75 -6.33
N GLN B 102 2.01 -25.48 -7.60
CA GLN B 102 3.27 -24.84 -7.96
C GLN B 102 3.32 -23.41 -7.43
N VAL B 103 2.18 -22.72 -7.47
CA VAL B 103 2.09 -21.35 -6.98
C VAL B 103 2.19 -21.31 -5.46
N GLN B 104 1.54 -22.27 -4.80
CA GLN B 104 1.55 -22.34 -3.34
C GLN B 104 2.93 -22.69 -2.81
N LYS B 105 3.71 -23.43 -3.59
CA LYS B 105 5.06 -23.81 -3.20
C LYS B 105 5.98 -22.60 -3.18
N VAL B 106 5.89 -21.77 -4.21
CA VAL B 106 6.75 -20.60 -4.34
C VAL B 106 6.42 -19.53 -3.30
N PHE B 107 5.16 -19.08 -3.29
CA PHE B 107 4.76 -18.01 -2.39
C PHE B 107 4.59 -18.47 -0.96
N GLY B 108 4.52 -19.79 -0.77
CA GLY B 108 4.49 -20.35 0.57
C GLY B 108 5.83 -20.12 1.25
N ALA B 109 6.88 -20.06 0.45
CA ALA B 109 8.22 -19.81 0.96
C ALA B 109 8.53 -18.32 1.02
N LEU B 110 7.95 -17.55 0.10
CA LEU B 110 8.18 -16.12 0.04
C LEU B 110 7.59 -15.40 1.25
N PHE B 111 6.42 -15.86 1.68
CA PHE B 111 5.75 -15.26 2.82
C PHE B 111 6.05 -16.03 4.11
N ASN B 112 6.89 -17.05 4.00
CA ASN B 112 7.24 -17.92 5.12
C ASN B 112 5.99 -18.41 5.86
N ALA B 113 5.07 -19.01 5.10
CA ALA B 113 3.78 -19.43 5.63
C ALA B 113 3.92 -20.44 6.76
N GLU B 114 3.00 -20.35 7.72
CA GLU B 114 2.91 -21.31 8.82
C GLU B 114 2.81 -22.73 8.30
N PRO B 115 3.36 -23.70 9.04
CA PRO B 115 3.41 -25.11 8.62
C PRO B 115 2.04 -25.71 8.33
N GLY B 116 0.98 -25.04 8.76
CA GLY B 116 -0.36 -25.51 8.51
C GLY B 116 -0.88 -25.13 7.13
N PHE B 117 -0.13 -24.28 6.42
CA PHE B 117 -0.51 -23.88 5.07
C PHE B 117 -0.30 -25.04 4.10
N ALA B 118 -1.36 -25.40 3.39
CA ALA B 118 -1.35 -26.54 2.49
C ALA B 118 -0.80 -26.18 1.11
N ARG B 119 0.09 -27.02 0.59
CA ARG B 119 0.65 -26.84 -0.73
C ARG B 119 0.07 -27.81 -1.75
N ASP B 120 -1.07 -28.39 -1.42
CA ASP B 120 -1.73 -29.37 -2.29
C ASP B 120 -3.04 -28.85 -2.87
N GLY B 121 -3.35 -27.59 -2.58
CA GLY B 121 -4.59 -26.99 -3.05
C GLY B 121 -5.79 -27.51 -2.28
N SER B 122 -5.56 -27.86 -1.02
CA SER B 122 -6.61 -28.40 -0.16
C SER B 122 -7.65 -27.34 0.20
N GLN B 123 -7.31 -26.07 0.00
CA GLN B 123 -8.20 -24.98 0.31
C GLN B 123 -9.28 -24.84 -0.75
N PHE B 124 -9.00 -25.37 -1.94
CA PHE B 124 -9.96 -25.34 -3.03
C PHE B 124 -10.69 -26.68 -3.12
N ASP B 125 -12.00 -26.63 -3.33
CA ASP B 125 -12.81 -27.85 -3.39
C ASP B 125 -12.42 -28.74 -4.57
N VAL B 126 -12.24 -28.13 -5.74
CA VAL B 126 -11.96 -28.89 -6.95
C VAL B 126 -10.74 -28.34 -7.70
N LEU B 127 -9.79 -29.22 -8.02
CA LEU B 127 -8.65 -28.83 -8.83
C LEU B 127 -8.87 -29.27 -10.28
N LEU B 128 -9.10 -28.29 -11.15
CA LEU B 128 -9.43 -28.56 -12.54
C LEU B 128 -8.19 -28.87 -13.37
N GLU B 129 -8.34 -29.80 -14.31
CA GLU B 129 -7.27 -30.16 -15.23
C GLU B 129 -7.63 -29.71 -16.65
N ASP B 130 -6.66 -29.77 -17.55
CA ASP B 130 -6.88 -29.34 -18.94
C ASP B 130 -7.92 -30.23 -19.63
N GLU B 131 -8.79 -29.59 -20.42
CA GLU B 131 -9.84 -30.27 -21.18
C GLU B 131 -10.81 -31.06 -20.30
N GLU B 132 -10.88 -30.71 -19.02
CA GLU B 132 -11.80 -31.38 -18.10
C GLU B 132 -13.17 -30.70 -18.12
N GLY B 133 -14.22 -31.51 -18.25
CA GLY B 133 -15.57 -30.98 -18.32
C GLY B 133 -16.24 -30.85 -16.96
N PHE B 134 -17.17 -29.91 -16.85
CA PHE B 134 -17.97 -29.74 -15.65
C PHE B 134 -19.30 -29.10 -16.01
N ARG B 135 -20.31 -29.30 -15.17
CA ARG B 135 -21.68 -28.92 -15.53
C ARG B 135 -22.23 -27.76 -14.71
N ILE B 136 -22.73 -26.75 -15.41
CA ILE B 136 -23.49 -25.68 -14.79
C ILE B 136 -24.95 -25.83 -15.19
N GLY B 137 -25.68 -26.65 -14.43
CA GLY B 137 -27.04 -26.99 -14.78
C GLY B 137 -27.06 -27.91 -15.99
N ASN B 138 -27.55 -27.41 -17.12
CA ASN B 138 -27.55 -28.18 -18.35
C ASN B 138 -26.45 -27.71 -19.31
N LEU B 139 -25.78 -26.62 -18.93
CA LEU B 139 -24.68 -26.09 -19.73
C LEU B 139 -23.42 -26.94 -19.58
N GLN B 140 -22.90 -27.42 -20.70
CA GLN B 140 -21.65 -28.17 -20.70
C GLN B 140 -20.45 -27.23 -20.74
N ALA B 141 -19.65 -27.24 -19.69
CA ALA B 141 -18.47 -26.38 -19.62
C ALA B 141 -17.20 -27.21 -19.56
N ARG B 142 -16.11 -26.62 -20.03
N ARG B 142 -16.09 -26.60 -19.99
CA ARG B 142 -14.79 -27.26 -19.98
CA ARG B 142 -14.80 -27.30 -19.99
C ARG B 142 -13.75 -26.31 -19.43
C ARG B 142 -13.66 -26.37 -19.57
N ALA B 143 -12.79 -26.87 -18.70
CA ALA B 143 -11.67 -26.09 -18.19
C ALA B 143 -10.45 -26.25 -19.09
N LEU B 144 -9.91 -25.14 -19.55
CA LEU B 144 -8.75 -25.16 -20.44
C LEU B 144 -7.52 -24.57 -19.76
N HIS B 145 -6.44 -25.34 -19.68
CA HIS B 145 -5.20 -24.85 -19.12
C HIS B 145 -4.50 -23.94 -20.12
N THR B 146 -4.39 -22.66 -19.76
CA THR B 146 -3.78 -21.67 -20.64
C THR B 146 -2.73 -20.83 -19.92
N PRO B 147 -1.58 -21.44 -19.56
CA PRO B 147 -0.54 -20.74 -18.80
C PRO B 147 0.16 -19.64 -19.59
N GLY B 148 0.97 -18.84 -18.89
CA GLY B 148 1.68 -17.74 -19.51
C GLY B 148 1.75 -16.55 -18.57
N HIS B 149 0.58 -16.05 -18.19
CA HIS B 149 0.47 -15.03 -17.16
C HIS B 149 0.92 -15.62 -15.82
N THR B 150 0.38 -16.81 -15.51
CA THR B 150 0.78 -17.60 -14.36
C THR B 150 0.89 -19.06 -14.80
N PRO B 151 1.55 -19.91 -13.99
CA PRO B 151 1.62 -21.33 -14.36
C PRO B 151 0.28 -22.07 -14.25
N ALA B 152 -0.68 -21.50 -13.55
CA ALA B 152 -1.93 -22.20 -13.26
C ALA B 152 -3.15 -21.57 -13.92
N CYS B 153 -2.92 -20.72 -14.92
CA CYS B 153 -4.00 -20.01 -15.60
C CYS B 153 -4.96 -20.96 -16.32
N MET B 154 -6.24 -20.81 -16.03
CA MET B 154 -7.27 -21.61 -16.68
C MET B 154 -8.26 -20.73 -17.44
N SER B 155 -8.84 -21.28 -18.50
CA SER B 155 -9.89 -20.61 -19.25
C SER B 155 -11.13 -21.51 -19.31
N PHE B 156 -12.29 -20.92 -19.07
CA PHE B 156 -13.53 -21.68 -19.04
C PHE B 156 -14.35 -21.44 -20.30
N MET B 157 -14.60 -22.50 -21.05
CA MET B 157 -15.48 -22.41 -22.22
C MET B 157 -16.84 -23.02 -21.91
N ILE B 158 -17.90 -22.35 -22.36
CA ILE B 158 -19.26 -22.82 -22.14
C ILE B 158 -20.04 -22.80 -23.44
N GLU B 159 -20.74 -23.90 -23.72
CA GLU B 159 -21.45 -24.04 -25.00
C GLU B 159 -22.96 -24.08 -24.83
N ASP B 160 -23.66 -23.38 -25.71
CA ASP B 160 -25.11 -23.45 -25.80
C ASP B 160 -25.52 -23.30 -27.26
N ALA B 161 -26.43 -24.16 -27.72
CA ALA B 161 -26.75 -24.27 -29.14
C ALA B 161 -25.48 -24.53 -29.95
N GLY B 162 -25.19 -23.66 -30.90
CA GLY B 162 -24.00 -23.79 -31.72
C GLY B 162 -22.94 -22.75 -31.42
N GLU B 163 -23.22 -21.89 -30.45
CA GLU B 163 -22.34 -20.78 -30.13
C GLU B 163 -21.49 -21.06 -28.89
N ILE B 164 -20.30 -20.48 -28.85
CA ILE B 164 -19.35 -20.75 -27.77
C ILE B 164 -18.93 -19.46 -27.06
N ALA B 165 -18.87 -19.52 -25.73
CA ALA B 165 -18.35 -18.42 -24.93
C ALA B 165 -17.18 -18.88 -24.09
N VAL B 166 -16.08 -18.14 -24.15
CA VAL B 166 -14.88 -18.52 -23.40
C VAL B 166 -14.43 -17.40 -22.47
N PHE B 167 -14.22 -17.74 -21.20
CA PHE B 167 -13.71 -16.80 -20.22
C PHE B 167 -12.21 -16.99 -20.07
N VAL B 168 -11.44 -16.09 -20.69
CA VAL B 168 -10.03 -16.32 -20.93
C VAL B 168 -9.11 -15.92 -19.78
N GLY B 169 -9.61 -15.12 -18.85
CA GLY B 169 -8.80 -14.65 -17.73
C GLY B 169 -7.78 -13.62 -18.18
N ASP B 170 -6.63 -13.60 -17.51
CA ASP B 170 -5.57 -12.66 -17.86
C ASP B 170 -4.66 -13.23 -18.94
N THR B 171 -5.19 -13.39 -20.14
CA THR B 171 -4.41 -13.80 -21.29
C THR B 171 -4.52 -12.74 -22.38
N LEU B 172 -5.74 -12.61 -22.90
CA LEU B 172 -6.04 -11.58 -23.88
C LEU B 172 -6.81 -10.42 -23.23
N PHE B 173 -6.47 -9.21 -23.62
CA PHE B 173 -7.29 -8.04 -23.31
C PHE B 173 -8.04 -7.66 -24.57
N MET B 174 -8.78 -6.55 -24.53
CA MET B 174 -9.42 -6.05 -25.74
C MET B 174 -8.35 -5.79 -26.80
N PRO B 175 -8.68 -6.03 -28.07
CA PRO B 175 -7.72 -5.93 -29.19
C PRO B 175 -6.94 -4.62 -29.23
N ASP B 176 -7.48 -3.56 -28.64
CA ASP B 176 -6.83 -2.26 -28.67
C ASP B 176 -5.79 -2.08 -27.56
N TYR B 177 -5.72 -3.04 -26.63
CA TYR B 177 -4.78 -2.95 -25.52
C TYR B 177 -3.69 -4.02 -25.60
N GLY B 178 -4.05 -5.22 -26.06
CA GLY B 178 -3.07 -6.26 -26.29
C GLY B 178 -3.19 -7.49 -25.42
N THR B 179 -2.10 -7.83 -24.74
CA THR B 179 -2.04 -9.05 -23.94
C THR B 179 -1.65 -8.76 -22.49
N ALA B 180 -1.55 -9.83 -21.70
CA ALA B 180 -1.21 -9.70 -20.28
C ALA B 180 0.31 -9.73 -20.06
N ARG B 181 0.72 -9.45 -18.84
CA ARG B 181 2.14 -9.39 -18.48
C ARG B 181 2.69 -10.77 -18.14
N CYS B 182 4.01 -10.92 -18.27
CA CYS B 182 4.67 -12.19 -17.97
C CYS B 182 5.90 -12.02 -17.09
N ASP B 183 5.85 -11.03 -16.19
CA ASP B 183 6.99 -10.75 -15.33
C ASP B 183 6.83 -11.32 -13.93
N PHE B 184 5.78 -12.11 -13.72
CA PHE B 184 5.54 -12.75 -12.43
C PHE B 184 6.29 -14.07 -12.35
N PRO B 185 6.54 -14.56 -11.12
CA PRO B 185 7.19 -15.87 -10.96
C PRO B 185 6.41 -17.00 -11.63
N GLY B 186 7.07 -17.75 -12.50
CA GLY B 186 6.44 -18.85 -13.19
C GLY B 186 5.87 -18.45 -14.54
N ALA B 187 5.75 -17.14 -14.76
CA ALA B 187 5.22 -16.63 -16.02
C ALA B 187 6.20 -16.84 -17.17
N ASP B 188 5.68 -16.89 -18.38
CA ASP B 188 6.51 -17.10 -19.56
C ASP B 188 5.84 -16.56 -20.82
N ALA B 189 6.54 -15.69 -21.54
CA ALA B 189 6.00 -15.05 -22.73
C ALA B 189 5.76 -16.03 -23.87
N ARG B 190 6.64 -17.02 -23.99
N ARG B 190 6.66 -17.01 -24.00
CA ARG B 190 6.52 -18.02 -25.04
CA ARG B 190 6.53 -18.04 -25.03
C ARG B 190 5.35 -18.96 -24.78
C ARG B 190 5.30 -18.90 -24.77
N THR B 191 5.10 -19.24 -23.50
CA THR B 191 3.99 -20.09 -23.11
C THR B 191 2.66 -19.36 -23.32
N LEU B 192 2.67 -18.05 -23.08
CA LEU B 192 1.46 -17.24 -23.24
C LEU B 192 1.04 -17.16 -24.70
N TYR B 193 2.02 -17.00 -25.58
CA TYR B 193 1.76 -16.96 -27.02
C TYR B 193 1.05 -18.22 -27.49
N ARG B 194 1.52 -19.36 -27.02
CA ARG B 194 0.99 -20.66 -27.43
C ARG B 194 -0.42 -20.87 -26.89
N SER B 195 -0.65 -20.43 -25.66
CA SER B 195 -1.97 -20.55 -25.04
C SER B 195 -3.01 -19.70 -25.76
N ILE B 196 -2.58 -18.55 -26.27
CA ILE B 196 -3.49 -17.65 -26.97
C ILE B 196 -3.81 -18.15 -28.38
N ARG B 197 -2.78 -18.58 -29.11
CA ARG B 197 -2.96 -19.16 -30.45
C ARG B 197 -3.91 -20.35 -30.39
N ARG B 198 -3.79 -21.10 -29.30
CA ARG B 198 -4.67 -22.23 -29.03
C ARG B 198 -6.08 -21.75 -28.70
N LEU B 199 -6.18 -20.60 -28.05
CA LEU B 199 -7.48 -19.99 -27.74
C LEU B 199 -8.13 -19.43 -28.99
N LEU B 200 -7.32 -18.87 -29.88
CA LEU B 200 -7.83 -18.25 -31.10
C LEU B 200 -8.06 -19.30 -32.19
N ALA B 201 -7.87 -20.57 -31.85
CA ALA B 201 -8.12 -21.66 -32.77
CA ALA B 201 -8.12 -21.66 -32.77
C ALA B 201 -9.61 -22.01 -32.80
N PHE B 202 -10.35 -21.49 -31.82
CA PHE B 202 -11.79 -21.66 -31.74
C PHE B 202 -12.47 -21.00 -32.93
N PRO B 203 -13.73 -21.38 -33.22
CA PRO B 203 -14.52 -20.72 -34.26
C PRO B 203 -14.49 -19.20 -34.13
N ASP B 204 -14.42 -18.50 -35.26
CA ASP B 204 -14.21 -17.06 -35.27
C ASP B 204 -15.35 -16.26 -34.62
N GLN B 205 -16.53 -16.86 -34.52
CA GLN B 205 -17.67 -16.20 -33.88
C GLN B 205 -17.78 -16.52 -32.39
N THR B 206 -16.73 -17.11 -31.83
CA THR B 206 -16.73 -17.43 -30.41
C THR B 206 -16.57 -16.15 -29.58
N ARG B 207 -17.48 -15.95 -28.63
CA ARG B 207 -17.43 -14.78 -27.76
C ARG B 207 -16.38 -14.94 -26.66
N LEU B 208 -15.48 -13.96 -26.55
CA LEU B 208 -14.44 -13.98 -25.54
C LEU B 208 -14.68 -12.93 -24.47
N PHE B 209 -14.63 -13.34 -23.21
CA PHE B 209 -14.87 -12.44 -22.09
C PHE B 209 -13.58 -12.12 -21.33
N MET B 210 -13.30 -10.83 -21.16
CA MET B 210 -12.04 -10.37 -20.60
C MET B 210 -12.03 -10.35 -19.08
N CYS B 211 -10.84 -10.39 -18.50
CA CYS B 211 -10.67 -10.36 -17.05
C CYS B 211 -10.46 -8.92 -16.56
N HIS B 212 -9.82 -8.11 -17.39
CA HIS B 212 -9.57 -6.71 -17.05
C HIS B 212 -9.87 -5.81 -18.24
N ASP B 213 -10.15 -4.54 -17.95
CA ASP B 213 -10.26 -3.52 -18.98
C ASP B 213 -9.76 -2.19 -18.41
N TYR B 214 -8.57 -1.79 -18.84
CA TYR B 214 -7.92 -0.62 -18.27
C TYR B 214 -8.31 0.66 -18.99
N LEU B 215 -9.17 0.54 -19.99
CA LEU B 215 -9.68 1.69 -20.76
C LEU B 215 -8.56 2.52 -21.37
N PRO B 216 -8.07 2.09 -22.56
CA PRO B 216 -7.00 2.82 -23.26
C PRO B 216 -7.40 4.24 -23.64
N GLY B 217 -8.69 4.54 -23.55
CA GLY B 217 -9.17 5.90 -23.76
C GLY B 217 -9.55 6.54 -22.45
N GLY B 218 -10.60 7.37 -22.46
CA GLY B 218 -11.33 7.65 -23.69
C GLY B 218 -12.64 6.89 -23.78
N ARG B 219 -12.54 5.62 -24.18
CA ARG B 219 -13.73 4.79 -24.37
C ARG B 219 -14.25 4.26 -23.04
N ASP B 220 -15.48 3.76 -23.04
CA ASP B 220 -16.09 3.20 -21.84
C ASP B 220 -15.56 1.79 -21.57
N MET B 221 -16.19 1.10 -20.63
CA MET B 221 -15.76 -0.24 -20.26
C MET B 221 -16.34 -1.29 -21.21
N GLN B 222 -15.46 -2.16 -21.70
CA GLN B 222 -15.87 -3.24 -22.59
C GLN B 222 -15.29 -4.57 -22.10
N TYR B 223 -16.09 -5.62 -22.17
CA TYR B 223 -15.69 -6.91 -21.61
C TYR B 223 -15.77 -8.05 -22.62
N VAL B 224 -16.56 -7.87 -23.67
CA VAL B 224 -16.80 -8.95 -24.63
C VAL B 224 -16.28 -8.62 -26.03
N THR B 225 -15.63 -9.60 -26.65
CA THR B 225 -15.16 -9.49 -28.02
C THR B 225 -15.30 -10.85 -28.72
N THR B 226 -14.82 -10.96 -29.95
CA THR B 226 -14.89 -12.23 -30.66
C THR B 226 -13.50 -12.69 -31.10
N VAL B 227 -13.41 -13.96 -31.51
CA VAL B 227 -12.16 -14.53 -31.99
C VAL B 227 -11.72 -13.87 -33.29
N ALA B 228 -12.69 -13.64 -34.17
CA ALA B 228 -12.41 -13.02 -35.48
C ALA B 228 -11.86 -11.61 -35.30
N GLU B 229 -12.40 -10.88 -34.34
CA GLU B 229 -11.94 -9.51 -34.06
C GLU B 229 -10.52 -9.52 -33.51
N GLN B 230 -10.22 -10.48 -32.64
CA GLN B 230 -8.90 -10.58 -32.03
C GLN B 230 -7.83 -10.96 -33.06
N ARG B 231 -8.16 -11.91 -33.92
CA ARG B 231 -7.22 -12.39 -34.93
C ARG B 231 -6.85 -11.29 -35.93
N ALA B 232 -7.76 -10.33 -36.10
CA ALA B 232 -7.59 -9.31 -37.13
C ALA B 232 -6.97 -8.01 -36.62
N SER B 233 -7.27 -7.64 -35.38
CA SER B 233 -6.92 -6.29 -34.93
C SER B 233 -6.25 -6.20 -33.56
N ASN B 234 -5.82 -7.32 -32.99
CA ASN B 234 -5.09 -7.27 -31.71
C ASN B 234 -3.72 -6.66 -31.92
N ILE B 235 -3.42 -5.60 -31.18
CA ILE B 235 -2.19 -4.85 -31.37
C ILE B 235 -0.94 -5.61 -30.92
N HIS B 236 -1.13 -6.71 -30.20
CA HIS B 236 0.00 -7.46 -29.66
C HIS B 236 0.18 -8.83 -30.29
N ILE B 237 -0.92 -9.48 -30.67
CA ILE B 237 -0.84 -10.88 -31.10
C ILE B 237 -1.89 -11.22 -32.18
N HIS B 238 -2.10 -10.30 -33.11
CA HIS B 238 -2.98 -10.58 -34.24
C HIS B 238 -2.33 -11.64 -35.14
N GLN B 239 -3.07 -12.07 -36.17
CA GLN B 239 -2.65 -13.19 -37.01
C GLN B 239 -1.29 -13.00 -37.68
N GLY B 240 -0.87 -11.75 -37.86
CA GLY B 240 0.38 -11.46 -38.54
C GLY B 240 1.62 -11.62 -37.68
N ILE B 241 1.42 -11.75 -36.37
CA ILE B 241 2.53 -11.84 -35.44
C ILE B 241 2.93 -13.28 -35.15
N ASP B 242 4.19 -13.61 -35.41
CA ASP B 242 4.70 -14.95 -35.12
C ASP B 242 5.14 -15.05 -33.67
N GLU B 243 5.63 -16.24 -33.30
CA GLU B 243 6.01 -16.50 -31.91
C GLU B 243 7.18 -15.63 -31.45
N ASP B 244 8.25 -15.60 -32.26
CA ASP B 244 9.46 -14.89 -31.89
C ASP B 244 9.25 -13.39 -31.72
N SER B 245 8.46 -12.79 -32.61
CA SER B 245 8.21 -11.35 -32.55
C SER B 245 7.41 -10.97 -31.31
N PHE B 246 6.50 -11.86 -30.90
CA PHE B 246 5.68 -11.59 -29.72
C PHE B 246 6.51 -11.63 -28.45
N VAL B 247 7.38 -12.63 -28.34
CA VAL B 247 8.21 -12.82 -27.15
C VAL B 247 9.14 -11.64 -26.90
N ALA B 248 9.81 -11.18 -27.95
CA ALA B 248 10.69 -10.03 -27.86
C ALA B 248 9.89 -8.78 -27.46
N MET B 249 8.68 -8.66 -28.00
CA MET B 249 7.80 -7.55 -27.66
C MET B 249 7.34 -7.67 -26.21
N ARG B 250 6.82 -8.83 -25.86
CA ARG B 250 6.25 -9.07 -24.53
C ARG B 250 7.28 -8.89 -23.42
N GLU B 251 8.46 -9.46 -23.60
CA GLU B 251 9.52 -9.40 -22.59
C GLU B 251 10.09 -7.99 -22.44
N ALA B 252 10.15 -7.26 -23.54
CA ALA B 252 10.66 -5.89 -23.52
C ALA B 252 9.68 -4.95 -22.82
N ARG B 253 8.39 -5.29 -22.90
CA ARG B 253 7.35 -4.47 -22.30
C ARG B 253 7.21 -4.75 -20.80
N ASP B 254 7.46 -5.99 -20.41
CA ASP B 254 7.36 -6.38 -19.00
C ASP B 254 8.42 -5.69 -18.14
N LYS B 255 9.55 -5.39 -18.75
CA LYS B 255 10.63 -4.70 -18.04
C LYS B 255 10.27 -3.24 -17.79
N THR B 256 9.23 -2.77 -18.48
CA THR B 256 8.79 -1.39 -18.33
C THR B 256 7.47 -1.31 -17.55
N LEU B 257 7.22 -2.30 -16.70
CA LEU B 257 5.98 -2.35 -15.94
C LEU B 257 6.24 -2.27 -14.44
N GLU B 258 5.38 -1.53 -13.74
CA GLU B 258 5.47 -1.41 -12.29
C GLU B 258 4.66 -2.51 -11.62
N MET B 259 4.98 -2.80 -10.37
CA MET B 259 4.25 -3.83 -9.62
C MET B 259 2.85 -3.36 -9.25
N PRO B 260 1.89 -4.29 -9.28
CA PRO B 260 0.52 -3.98 -8.86
C PRO B 260 0.48 -3.51 -7.41
N VAL B 261 -0.42 -2.59 -7.10
CA VAL B 261 -0.48 -1.99 -5.77
C VAL B 261 -0.73 -3.02 -4.68
N LEU B 262 -1.58 -4.01 -4.96
CA LEU B 262 -1.99 -4.97 -3.94
C LEU B 262 -1.42 -6.37 -4.15
N ILE B 263 -0.30 -6.48 -4.87
CA ILE B 263 0.23 -7.78 -5.25
C ILE B 263 0.62 -8.66 -4.05
N LEU B 264 1.28 -8.08 -3.06
CA LEU B 264 1.69 -8.84 -1.88
C LEU B 264 0.52 -9.22 -0.97
N PRO B 265 -0.44 -8.30 -0.73
CA PRO B 265 -1.60 -8.77 0.04
C PRO B 265 -2.51 -9.72 -0.72
N SER B 266 -2.56 -9.61 -2.05
CA SER B 266 -3.45 -10.42 -2.86
C SER B 266 -3.06 -11.89 -2.88
N VAL B 267 -1.82 -12.16 -3.28
CA VAL B 267 -1.34 -13.52 -3.50
C VAL B 267 -1.42 -14.39 -2.23
N GLN B 268 -1.00 -13.82 -1.09
CA GLN B 268 -0.99 -14.58 0.15
C GLN B 268 -2.40 -14.86 0.67
N VAL B 269 -3.38 -14.14 0.11
CA VAL B 269 -4.78 -14.37 0.46
C VAL B 269 -5.44 -15.27 -0.58
N ASN B 270 -5.08 -15.07 -1.85
CA ASN B 270 -5.65 -15.85 -2.93
C ASN B 270 -5.08 -17.26 -3.01
N MET B 271 -3.92 -17.47 -2.40
CA MET B 271 -3.32 -18.79 -2.34
C MET B 271 -3.97 -19.63 -1.23
N ARG B 272 -4.79 -18.97 -0.41
CA ARG B 272 -5.54 -19.65 0.63
C ARG B 272 -7.01 -19.74 0.26
N SER B 273 -7.28 -19.67 -1.05
CA SER B 273 -8.64 -19.71 -1.58
C SER B 273 -9.52 -18.59 -1.02
N GLY B 274 -8.91 -17.44 -0.76
CA GLY B 274 -9.65 -16.29 -0.28
C GLY B 274 -9.71 -16.21 1.23
N GLN B 275 -8.99 -17.09 1.91
CA GLN B 275 -8.96 -17.09 3.37
C GLN B 275 -7.87 -16.17 3.89
N LEU B 276 -8.19 -15.41 4.93
CA LEU B 276 -7.21 -14.58 5.60
C LEU B 276 -6.26 -15.49 6.38
N PRO B 277 -5.00 -15.06 6.55
CA PRO B 277 -4.05 -15.82 7.37
C PRO B 277 -4.61 -16.06 8.77
N PRO B 278 -4.39 -17.25 9.33
CA PRO B 278 -4.93 -17.61 10.65
C PRO B 278 -4.46 -16.65 11.75
N PRO B 279 -5.36 -16.31 12.68
CA PRO B 279 -5.05 -15.35 13.76
C PRO B 279 -3.89 -15.79 14.63
N GLU B 280 -3.16 -14.83 15.19
CA GLU B 280 -2.09 -15.13 16.12
C GLU B 280 -2.64 -15.28 17.53
N ALA B 281 -1.77 -15.16 18.53
CA ALA B 281 -2.16 -15.32 19.92
C ALA B 281 -3.16 -14.25 20.35
N ASN B 282 -3.03 -13.06 19.79
CA ASN B 282 -3.91 -11.94 20.14
C ASN B 282 -5.19 -11.95 19.31
N GLY B 283 -5.37 -13.00 18.52
CA GLY B 283 -6.59 -13.16 17.72
C GLY B 283 -6.63 -12.26 16.51
N VAL B 284 -5.51 -11.64 16.18
CA VAL B 284 -5.43 -10.75 15.04
C VAL B 284 -4.72 -11.42 13.86
N SER B 285 -5.32 -11.34 12.67
CA SER B 285 -4.70 -11.86 11.47
C SER B 285 -3.76 -10.82 10.85
N TYR B 286 -2.60 -11.26 10.40
CA TYR B 286 -1.60 -10.36 9.85
C TYR B 286 -1.16 -10.76 8.44
N LEU B 287 -0.99 -9.76 7.58
CA LEU B 287 -0.38 -9.99 6.27
C LEU B 287 1.12 -9.75 6.36
N LYS B 288 1.90 -10.75 5.97
CA LYS B 288 3.36 -10.61 5.97
C LYS B 288 3.84 -9.92 4.70
N ILE B 289 4.60 -8.84 4.87
CA ILE B 289 5.17 -8.12 3.73
C ILE B 289 6.69 -8.32 3.69
N PRO B 290 7.16 -9.16 2.75
CA PRO B 290 8.60 -9.40 2.58
C PRO B 290 9.35 -8.13 2.19
N LEU B 291 10.47 -7.88 2.84
CA LEU B 291 11.25 -6.67 2.59
C LEU B 291 12.42 -6.90 1.65
N ASN B 292 12.46 -6.11 0.57
CA ASN B 292 13.55 -6.15 -0.40
C ASN B 292 13.73 -7.51 -1.06
N LYS B 293 12.62 -8.20 -1.28
CA LYS B 293 12.62 -9.45 -2.04
C LYS B 293 11.91 -9.21 -3.37
N LEU B 294 11.18 -10.23 -3.82
CA LEU B 294 10.39 -10.15 -5.05
C LEU B 294 11.24 -9.78 -6.26
#